data_4H40
#
_entry.id   4H40
#
_cell.length_a   87.638
_cell.length_b   132.421
_cell.length_c   64.255
_cell.angle_alpha   90.000
_cell.angle_beta   101.060
_cell.angle_gamma   90.000
#
_symmetry.space_group_name_H-M   'C 1 2 1'
#
loop_
_entity.id
_entity.type
_entity.pdbx_description
1 polymer 'putative cell adhesion protein'
2 non-polymer 'CHLORIDE ION'
3 water water
#
_entity_poly.entity_id   1
_entity_poly.type   'polypeptide(L)'
_entity_poly.pdbx_seq_one_letter_code
;GAAGSPEED(MSE)EDRVRIDPVAGGYYPSISPSAQTRGATPDGETLKDRPIFLLEDGSTIRLVVYDDAKNLLEEYSKAY
LVRNAGTSGSSLLYPCEVDDNGAVISSSSTPLY(MSE)KAGTYYFRILSPAKALNSKGFVNIGNGEYLLATDDRYTQTA
(MSE)TAVTITKIDEGGTLNNVQTLYLPPIINQTAR(MSE)QFTVRAGEGVHTLE(MSE)LAEGIEISGIQQPLDNTTSF
DWVNGDVLPVKVGDQSASVRITQATRNADNSLVAHTGVLPTDARSHSISVLLNLKVNGNPTQYQ(MSE)LLTGLYLTAGH
SYNYTATVKISNGVTVLTWQNRSWTENVV(MSE)DK
;
_entity_poly.pdbx_strand_id   A,B
#
# COMPACT_ATOMS: atom_id res chain seq x y z
N ARG A 13 -35.62 2.90 -48.33
CA ARG A 13 -34.61 2.76 -47.29
C ARG A 13 -33.39 3.64 -47.63
N VAL A 14 -32.93 4.43 -46.63
CA VAL A 14 -31.81 5.37 -46.72
C VAL A 14 -30.51 4.66 -46.37
N ARG A 15 -29.40 4.96 -47.09
CA ARG A 15 -28.09 4.41 -46.77
C ARG A 15 -27.49 5.18 -45.58
N ILE A 16 -27.05 4.43 -44.53
CA ILE A 16 -26.42 5.00 -43.33
C ILE A 16 -24.89 5.01 -43.49
N ASP A 17 -24.31 6.22 -43.42
CA ASP A 17 -22.87 6.47 -43.48
C ASP A 17 -22.42 6.97 -42.09
N PRO A 18 -21.96 6.05 -41.19
CA PRO A 18 -21.58 6.52 -39.85
C PRO A 18 -20.21 7.17 -39.83
N VAL A 19 -20.07 8.25 -39.05
CA VAL A 19 -18.83 9.01 -38.90
C VAL A 19 -18.37 8.88 -37.44
N ALA A 20 -17.16 8.33 -37.26
CA ALA A 20 -16.52 8.09 -35.96
C ALA A 20 -16.43 9.38 -35.12
N GLY A 21 -16.71 9.23 -33.82
CA GLY A 21 -16.67 10.34 -32.88
C GLY A 21 -15.52 10.28 -31.91
N GLY A 22 -14.69 9.26 -32.05
CA GLY A 22 -13.49 9.06 -31.23
C GLY A 22 -13.77 8.43 -29.88
N TYR A 23 -12.79 8.49 -28.97
CA TYR A 23 -12.99 7.94 -27.64
C TYR A 23 -12.25 8.75 -26.59
N TYR A 24 -12.74 8.66 -25.34
CA TYR A 24 -12.10 9.27 -24.19
C TYR A 24 -11.22 8.18 -23.58
N PRO A 25 -9.89 8.34 -23.62
CA PRO A 25 -9.01 7.28 -23.08
C PRO A 25 -9.05 7.22 -21.55
N SER A 26 -8.59 6.09 -21.01
CA SER A 26 -8.50 5.86 -19.57
C SER A 26 -7.52 6.86 -18.92
N ILE A 27 -7.87 7.42 -17.74
CA ILE A 27 -7.02 8.38 -16.99
C ILE A 27 -6.88 7.94 -15.52
N SER A 28 -6.00 8.58 -14.78
CA SER A 28 -5.79 8.27 -13.38
C SER A 28 -6.95 8.80 -12.56
N PRO A 29 -7.33 8.11 -11.47
CA PRO A 29 -8.44 8.62 -10.64
C PRO A 29 -8.17 10.01 -10.09
N SER A 30 -9.26 10.80 -9.92
CA SER A 30 -9.28 12.18 -9.39
C SER A 30 -10.61 12.45 -8.68
N ARG A 34 -18.36 14.81 -9.11
CA ARG A 34 -19.16 13.87 -8.32
C ARG A 34 -20.45 13.46 -9.09
N GLY A 35 -21.48 13.00 -8.36
CA GLY A 35 -22.76 12.55 -8.92
C GLY A 35 -23.83 13.62 -9.01
N ALA A 36 -24.30 13.87 -10.27
CA ALA A 36 -25.35 14.81 -10.72
C ALA A 36 -25.75 14.41 -12.17
N THR A 37 -26.11 13.12 -12.34
CA THR A 37 -26.40 12.39 -13.60
C THR A 37 -27.51 12.98 -14.52
N PRO A 38 -27.18 13.21 -15.84
CA PRO A 38 -25.85 13.04 -16.43
C PRO A 38 -24.92 14.23 -16.16
N ASP A 39 -23.65 13.89 -15.99
CA ASP A 39 -22.52 14.73 -15.65
C ASP A 39 -21.92 15.36 -16.93
N GLY A 40 -21.95 16.68 -17.03
CA GLY A 40 -21.40 17.38 -18.18
C GLY A 40 -20.06 18.02 -17.91
N GLU A 41 -19.58 17.90 -16.66
CA GLU A 41 -18.35 18.54 -16.22
C GLU A 41 -17.11 17.64 -16.15
N THR A 42 -17.28 16.33 -15.96
CA THR A 42 -16.16 15.39 -15.83
C THR A 42 -15.29 15.34 -17.10
N LEU A 43 -15.91 15.35 -18.27
CA LEU A 43 -15.21 15.21 -19.54
C LEU A 43 -15.02 16.51 -20.31
N LYS A 44 -15.50 17.66 -19.78
CA LYS A 44 -15.43 18.93 -20.53
C LYS A 44 -14.00 19.22 -21.05
N ASP A 45 -12.96 19.11 -20.23
CA ASP A 45 -11.57 19.39 -20.64
C ASP A 45 -10.76 18.11 -20.95
N ARG A 46 -11.46 17.01 -21.23
CA ARG A 46 -10.80 15.75 -21.56
C ARG A 46 -10.58 15.66 -23.06
N PRO A 47 -9.35 15.31 -23.51
CA PRO A 47 -9.13 15.18 -24.97
C PRO A 47 -9.72 13.88 -25.50
N ILE A 48 -10.14 13.93 -26.75
CA ILE A 48 -10.69 12.81 -27.49
C ILE A 48 -9.61 12.29 -28.44
N PHE A 49 -9.37 10.98 -28.38
CA PHE A 49 -8.44 10.28 -29.26
C PHE A 49 -9.20 9.68 -30.43
N LEU A 50 -8.52 9.38 -31.55
CA LEU A 50 -9.16 8.73 -32.68
C LEU A 50 -9.30 7.27 -32.32
N LEU A 51 -10.37 6.61 -32.80
CA LEU A 51 -10.55 5.18 -32.59
C LEU A 51 -9.35 4.47 -33.16
N GLU A 52 -8.78 3.50 -32.45
CA GLU A 52 -7.56 2.84 -32.91
C GLU A 52 -7.76 2.07 -34.23
N ASP A 53 -6.83 2.24 -35.15
CA ASP A 53 -6.84 1.58 -36.46
C ASP A 53 -6.91 0.06 -36.28
N GLY A 54 -7.86 -0.58 -36.97
CA GLY A 54 -8.06 -2.02 -36.92
C GLY A 54 -9.08 -2.50 -35.90
N SER A 55 -9.51 -1.59 -35.01
CA SER A 55 -10.53 -1.89 -34.01
C SER A 55 -11.89 -1.96 -34.69
N THR A 56 -12.87 -2.57 -34.03
CA THR A 56 -14.21 -2.68 -34.58
C THR A 56 -15.21 -1.98 -33.68
N ILE A 57 -16.29 -1.46 -34.26
CA ILE A 57 -17.37 -0.84 -33.52
C ILE A 57 -18.66 -1.54 -33.93
N ARG A 58 -19.56 -1.76 -32.96
CA ARG A 58 -20.88 -2.30 -33.26
C ARG A 58 -21.91 -1.21 -33.04
N LEU A 59 -22.79 -1.04 -34.05
CA LEU A 59 -23.92 -0.13 -34.03
C LEU A 59 -25.14 -0.90 -33.54
N VAL A 60 -25.73 -0.41 -32.47
CA VAL A 60 -26.93 -1.03 -31.87
C VAL A 60 -28.07 -0.04 -32.10
N VAL A 61 -29.12 -0.47 -32.85
CA VAL A 61 -30.27 0.39 -33.19
C VAL A 61 -31.50 0.00 -32.40
N TYR A 62 -32.24 1.02 -31.92
CA TYR A 62 -33.51 0.93 -31.18
C TYR A 62 -34.58 1.79 -31.85
N ASP A 63 -35.88 1.47 -31.67
CA ASP A 63 -36.93 2.32 -32.23
C ASP A 63 -37.14 3.54 -31.29
N ASP A 64 -38.14 4.41 -31.58
CA ASP A 64 -38.43 5.61 -30.78
C ASP A 64 -38.87 5.27 -29.33
N ALA A 65 -39.35 4.03 -29.11
CA ALA A 65 -39.78 3.53 -27.80
C ALA A 65 -38.65 2.75 -27.06
N LYS A 66 -37.41 2.83 -27.59
CA LYS A 66 -36.16 2.23 -27.07
C LYS A 66 -36.18 0.67 -27.09
N ASN A 67 -36.83 0.09 -28.12
CA ASN A 67 -36.89 -1.37 -28.34
C ASN A 67 -35.86 -1.78 -29.39
N LEU A 68 -35.13 -2.87 -29.12
CA LEU A 68 -34.06 -3.38 -29.98
C LEU A 68 -34.52 -3.74 -31.39
N LEU A 69 -33.76 -3.29 -32.40
CA LEU A 69 -34.01 -3.57 -33.80
C LEU A 69 -32.82 -4.35 -34.37
N GLU A 70 -32.82 -5.66 -34.07
CA GLU A 70 -31.82 -6.67 -34.47
C GLU A 70 -31.47 -6.58 -35.97
N GLU A 71 -32.45 -6.24 -36.83
CA GLU A 71 -32.27 -6.12 -38.29
C GLU A 71 -31.30 -4.97 -38.67
N TYR A 72 -31.24 -3.90 -37.86
CA TYR A 72 -30.37 -2.78 -38.15
C TYR A 72 -29.03 -2.87 -37.38
N SER A 73 -28.73 -4.04 -36.79
CA SER A 73 -27.47 -4.26 -36.06
C SER A 73 -26.35 -4.38 -37.07
N LYS A 74 -25.29 -3.53 -36.95
CA LYS A 74 -24.17 -3.51 -37.90
C LYS A 74 -22.82 -3.36 -37.21
N ALA A 75 -21.78 -4.02 -37.76
CA ALA A 75 -20.39 -3.95 -37.30
C ALA A 75 -19.52 -3.21 -38.32
N TYR A 76 -18.54 -2.43 -37.84
CA TYR A 76 -17.67 -1.66 -38.73
C TYR A 76 -16.20 -1.84 -38.38
N LEU A 77 -15.32 -1.74 -39.37
CA LEU A 77 -13.87 -1.82 -39.17
C LEU A 77 -13.31 -0.41 -39.27
N VAL A 78 -12.43 -0.04 -38.32
CA VAL A 78 -11.83 1.29 -38.26
C VAL A 78 -10.51 1.29 -39.03
N ARG A 79 -10.34 2.31 -39.87
CA ARG A 79 -9.12 2.60 -40.63
CA ARG A 79 -9.11 2.61 -40.61
C ARG A 79 -8.95 4.12 -40.62
N ASN A 80 -7.91 4.63 -39.92
CA ASN A 80 -7.63 6.07 -39.80
C ASN A 80 -7.00 6.55 -41.12
N ALA A 81 -7.81 6.49 -42.16
CA ALA A 81 -7.46 6.79 -43.54
C ALA A 81 -8.17 8.06 -44.04
N GLY A 82 -9.06 8.67 -43.22
CA GLY A 82 -9.83 9.88 -43.56
C GLY A 82 -9.01 10.97 -44.22
N THR A 83 -9.62 11.69 -45.20
CA THR A 83 -8.97 12.74 -46.03
C THR A 83 -8.33 13.86 -45.17
N SER A 84 -8.63 13.84 -43.83
CA SER A 84 -8.15 14.75 -42.79
C SER A 84 -7.04 14.13 -41.89
N GLY A 85 -7.06 12.80 -41.77
CA GLY A 85 -6.21 11.97 -40.93
C GLY A 85 -7.11 11.14 -40.04
N SER A 86 -8.42 11.41 -40.24
CA SER A 86 -9.63 10.92 -39.58
C SER A 86 -9.89 9.41 -39.71
N SER A 87 -10.79 8.90 -38.86
CA SER A 87 -11.21 7.50 -38.89
C SER A 87 -12.33 7.27 -39.90
N LEU A 88 -12.18 6.22 -40.70
CA LEU A 88 -13.19 5.79 -41.67
C LEU A 88 -13.75 4.46 -41.21
N LEU A 89 -15.09 4.30 -41.30
CA LEU A 89 -15.79 3.11 -40.85
C LEU A 89 -16.28 2.25 -42.03
N TYR A 90 -15.75 1.01 -42.11
CA TYR A 90 -16.06 0.08 -43.19
C TYR A 90 -16.93 -1.06 -42.72
N PRO A 91 -18.13 -1.26 -43.35
CA PRO A 91 -18.97 -2.39 -42.95
C PRO A 91 -18.20 -3.70 -42.97
N CYS A 92 -18.31 -4.50 -41.92
CA CYS A 92 -17.61 -5.76 -41.83
C CYS A 92 -18.48 -6.81 -41.14
N GLU A 93 -17.97 -8.04 -41.11
CA GLU A 93 -18.61 -9.19 -40.47
C GLU A 93 -17.68 -9.63 -39.37
N VAL A 94 -18.23 -9.81 -38.16
CA VAL A 94 -17.39 -10.17 -37.03
C VAL A 94 -17.90 -11.42 -36.32
N ASP A 95 -17.02 -12.00 -35.47
CA ASP A 95 -17.35 -13.12 -34.60
C ASP A 95 -18.03 -12.52 -33.33
N ASP A 96 -18.45 -13.37 -32.39
CA ASP A 96 -19.12 -12.87 -31.18
C ASP A 96 -18.17 -12.02 -30.29
N ASN A 97 -16.85 -12.11 -30.51
CA ASN A 97 -15.87 -11.33 -29.74
C ASN A 97 -15.49 -10.01 -30.42
N GLY A 98 -16.05 -9.76 -31.59
CA GLY A 98 -15.81 -8.54 -32.37
C GLY A 98 -14.62 -8.55 -33.30
N ALA A 99 -14.02 -9.72 -33.54
CA ALA A 99 -12.89 -9.84 -34.48
C ALA A 99 -13.43 -10.01 -35.90
N VAL A 100 -12.81 -9.34 -36.92
CA VAL A 100 -13.32 -9.51 -38.30
C VAL A 100 -13.09 -10.95 -38.80
N ILE A 101 -14.14 -11.55 -39.37
CA ILE A 101 -14.13 -12.92 -39.92
C ILE A 101 -14.20 -12.84 -41.45
N SER A 102 -14.59 -11.63 -41.92
CA SER A 102 -14.73 -11.15 -43.29
C SER A 102 -14.88 -9.62 -43.31
N SER A 103 -14.19 -8.95 -44.24
CA SER A 103 -14.32 -7.50 -44.41
C SER A 103 -15.23 -7.21 -45.65
N SER A 104 -16.08 -8.21 -46.06
CA SER A 104 -17.05 -8.09 -47.16
C SER A 104 -18.17 -7.13 -46.71
N SER A 105 -18.05 -5.88 -47.19
CA SER A 105 -18.90 -4.75 -46.84
C SER A 105 -20.30 -4.79 -47.46
N THR A 106 -21.30 -4.88 -46.59
CA THR A 106 -22.69 -4.74 -46.93
C THR A 106 -23.15 -3.48 -46.18
N PRO A 107 -23.45 -2.35 -46.88
CA PRO A 107 -23.84 -1.11 -46.17
C PRO A 107 -25.16 -1.21 -45.39
N LEU A 108 -25.36 -0.27 -44.46
CA LEU A 108 -26.57 -0.25 -43.66
C LEU A 108 -27.64 0.59 -44.33
N TYR A 109 -28.80 -0.01 -44.54
CA TYR A 109 -29.95 0.69 -45.08
C TYR A 109 -31.05 0.65 -44.04
N LYS A 111 -35.10 2.40 -42.77
CA LYS A 111 -36.29 3.15 -43.19
C LYS A 111 -36.33 4.47 -42.43
N ALA A 112 -37.18 5.41 -42.90
CA ALA A 112 -37.37 6.72 -42.28
C ALA A 112 -38.04 6.62 -40.91
N GLY A 113 -37.71 7.57 -40.03
CA GLY A 113 -38.23 7.66 -38.66
C GLY A 113 -37.20 8.05 -37.64
N THR A 114 -37.59 8.03 -36.34
CA THR A 114 -36.70 8.37 -35.23
C THR A 114 -36.21 7.07 -34.58
N TYR A 115 -34.86 6.98 -34.36
CA TYR A 115 -34.15 5.83 -33.77
C TYR A 115 -33.13 6.24 -32.71
N TYR A 116 -32.95 5.40 -31.69
CA TYR A 116 -31.91 5.57 -30.68
C TYR A 116 -30.77 4.69 -31.07
N PHE A 117 -29.53 5.09 -30.79
CA PHE A 117 -28.44 4.21 -31.14
C PHE A 117 -27.33 4.23 -30.08
N ARG A 118 -26.73 3.05 -29.85
CA ARG A 118 -25.62 2.85 -28.92
C ARG A 118 -24.45 2.23 -29.67
N ILE A 119 -23.23 2.41 -29.14
CA ILE A 119 -21.98 1.90 -29.71
C ILE A 119 -21.24 1.06 -28.70
N LEU A 120 -20.54 0.04 -29.19
CA LEU A 120 -19.65 -0.87 -28.47
C LEU A 120 -18.39 -1.07 -29.27
N SER A 121 -17.25 -1.19 -28.59
CA SER A 121 -15.96 -1.46 -29.25
C SER A 121 -15.10 -2.25 -28.30
N PRO A 122 -14.72 -3.51 -28.62
CA PRO A 122 -14.94 -4.25 -29.88
C PRO A 122 -16.41 -4.53 -30.21
N ALA A 123 -16.69 -4.86 -31.49
CA ALA A 123 -18.05 -5.16 -31.98
C ALA A 123 -18.52 -6.51 -31.47
N LYS A 124 -18.50 -6.70 -30.15
CA LYS A 124 -18.95 -7.92 -29.47
C LYS A 124 -20.45 -8.15 -29.70
N ALA A 125 -20.88 -9.41 -29.70
CA ALA A 125 -22.28 -9.78 -29.92
C ALA A 125 -23.13 -9.47 -28.69
N LEU A 126 -24.38 -9.04 -28.93
CA LEU A 126 -25.30 -8.74 -27.85
C LEU A 126 -25.83 -10.01 -27.24
N ASN A 127 -25.91 -10.06 -25.90
CA ASN A 127 -26.43 -11.22 -25.18
C ASN A 127 -27.99 -11.12 -25.07
N SER A 128 -28.62 -12.07 -24.37
CA SER A 128 -30.07 -12.15 -24.16
C SER A 128 -30.65 -10.88 -23.49
N LYS A 129 -29.90 -10.26 -22.57
CA LYS A 129 -30.30 -9.08 -21.81
C LYS A 129 -30.09 -7.75 -22.58
N GLY A 130 -29.61 -7.81 -23.83
CA GLY A 130 -29.40 -6.63 -24.65
C GLY A 130 -28.05 -5.93 -24.47
N PHE A 131 -27.17 -6.46 -23.58
CA PHE A 131 -25.81 -5.93 -23.39
C PHE A 131 -24.82 -6.94 -23.98
N VAL A 132 -23.56 -6.88 -23.57
CA VAL A 132 -22.50 -7.77 -24.02
C VAL A 132 -21.91 -8.51 -22.83
N ASN A 133 -21.34 -9.68 -23.08
CA ASN A 133 -20.64 -10.44 -22.06
C ASN A 133 -19.23 -9.83 -21.88
N ILE A 134 -18.93 -9.32 -20.67
CA ILE A 134 -17.62 -8.75 -20.30
C ILE A 134 -17.07 -9.50 -19.14
N GLY A 135 -15.77 -9.79 -19.19
CA GLY A 135 -15.02 -10.36 -18.08
C GLY A 135 -13.83 -9.48 -17.73
N ASN A 136 -12.88 -10.08 -17.04
CA ASN A 136 -11.62 -9.45 -16.69
C ASN A 136 -10.63 -9.76 -17.80
N GLY A 137 -9.63 -8.88 -17.96
CA GLY A 137 -8.63 -9.05 -19.00
C GLY A 137 -9.10 -8.59 -20.37
N GLU A 138 -9.95 -7.56 -20.38
CA GLU A 138 -10.44 -6.98 -21.62
C GLU A 138 -10.92 -5.53 -21.41
N TYR A 139 -10.82 -4.73 -22.49
CA TYR A 139 -11.29 -3.37 -22.54
C TYR A 139 -12.54 -3.34 -23.39
N LEU A 140 -13.51 -2.51 -23.01
CA LEU A 140 -14.73 -2.28 -23.76
C LEU A 140 -15.09 -0.82 -23.72
N LEU A 141 -15.04 -0.20 -24.90
CA LEU A 141 -15.46 1.16 -25.09
C LEU A 141 -16.91 1.11 -25.50
N ALA A 142 -17.71 2.03 -24.98
CA ALA A 142 -19.14 2.03 -25.30
C ALA A 142 -19.78 3.38 -24.98
N THR A 143 -21.06 3.50 -25.31
CA THR A 143 -21.95 4.61 -24.99
C THR A 143 -22.09 4.64 -23.47
N ASP A 144 -21.99 5.82 -22.86
CA ASP A 144 -22.12 5.92 -21.40
C ASP A 144 -23.10 7.01 -21.05
N ASP A 145 -24.20 6.66 -20.35
CA ASP A 145 -25.22 7.62 -20.00
C ASP A 145 -24.82 8.44 -18.75
N ARG A 146 -23.69 8.10 -18.13
CA ARG A 146 -23.20 8.80 -16.95
C ARG A 146 -22.69 10.20 -17.31
N TYR A 147 -22.26 10.43 -18.56
CA TYR A 147 -21.76 11.73 -19.01
C TYR A 147 -22.51 12.19 -20.22
N THR A 148 -22.74 13.49 -20.34
CA THR A 148 -23.52 14.07 -21.44
C THR A 148 -22.81 13.90 -22.81
N GLN A 149 -21.47 14.01 -22.81
CA GLN A 149 -20.65 13.93 -24.01
C GLN A 149 -20.75 12.56 -24.72
N THR A 150 -20.89 11.49 -23.92
CA THR A 150 -20.91 10.08 -24.32
C THR A 150 -22.32 9.45 -24.26
N ALA A 151 -23.32 10.20 -23.75
CA ALA A 151 -24.72 9.76 -23.63
C ALA A 151 -25.31 9.43 -24.98
N THR A 153 -27.72 9.07 -28.16
CA THR A 153 -28.43 10.05 -28.96
C THR A 153 -29.48 9.39 -29.86
N ALA A 154 -30.42 10.21 -30.31
CA ALA A 154 -31.44 9.83 -31.25
C ALA A 154 -31.11 10.46 -32.60
N VAL A 155 -31.54 9.79 -33.68
CA VAL A 155 -31.35 10.23 -35.06
C VAL A 155 -32.69 10.15 -35.76
N THR A 156 -33.01 11.16 -36.56
CA THR A 156 -34.22 11.16 -37.38
C THR A 156 -33.77 10.99 -38.81
N ILE A 157 -34.25 9.93 -39.46
CA ILE A 157 -33.94 9.62 -40.86
C ILE A 157 -35.10 10.13 -41.73
N THR A 158 -34.77 10.95 -42.74
CA THR A 158 -35.74 11.56 -43.67
C THR A 158 -35.75 10.86 -45.03
N ASN A 168 -32.09 9.48 -50.22
CA ASN A 168 -30.97 8.76 -50.81
C ASN A 168 -30.01 8.24 -49.73
N VAL A 169 -29.19 9.12 -49.08
CA VAL A 169 -28.25 8.72 -48.01
C VAL A 169 -28.28 9.72 -46.84
N GLN A 170 -27.81 9.27 -45.66
CA GLN A 170 -27.72 10.11 -44.47
C GLN A 170 -26.46 9.82 -43.68
N THR A 171 -25.83 10.88 -43.18
CA THR A 171 -24.63 10.78 -42.38
C THR A 171 -25.03 10.69 -40.91
N LEU A 172 -24.56 9.64 -40.23
CA LEU A 172 -24.81 9.38 -38.82
C LEU A 172 -23.57 9.77 -38.03
N TYR A 173 -23.62 10.92 -37.35
CA TYR A 173 -22.51 11.40 -36.54
C TYR A 173 -22.53 10.70 -35.17
N LEU A 174 -21.49 9.87 -34.92
CA LEU A 174 -21.38 9.09 -33.70
C LEU A 174 -20.81 9.91 -32.58
N PRO A 175 -21.37 9.81 -31.36
CA PRO A 175 -20.76 10.53 -30.23
C PRO A 175 -19.48 9.81 -29.76
N PRO A 176 -18.56 10.47 -29.03
CA PRO A 176 -17.37 9.72 -28.56
C PRO A 176 -17.78 8.62 -27.57
N ILE A 177 -16.96 7.56 -27.45
CA ILE A 177 -17.22 6.46 -26.54
C ILE A 177 -16.15 6.47 -25.42
N ILE A 178 -16.40 5.75 -24.34
CA ILE A 178 -15.54 5.76 -23.16
C ILE A 178 -15.51 4.36 -22.57
N ASN A 179 -14.46 4.06 -21.80
CA ASN A 179 -14.20 2.75 -21.17
C ASN A 179 -15.21 2.36 -20.12
N GLN A 180 -15.61 1.08 -20.20
CA GLN A 180 -16.58 0.48 -19.28
C GLN A 180 -15.91 -0.29 -18.14
N THR A 181 -14.63 -0.67 -18.31
CA THR A 181 -13.83 -1.36 -17.29
C THR A 181 -12.74 -0.41 -16.67
N ALA A 182 -12.13 -0.90 -15.62
CA ALA A 182 -10.98 -0.26 -15.01
C ALA A 182 -9.76 -0.82 -15.74
N ARG A 183 -8.62 -0.18 -15.55
CA ARG A 183 -7.36 -0.60 -16.13
C ARG A 183 -6.30 -0.61 -15.04
N GLN A 185 -2.09 -1.16 -14.51
CA GLN A 185 -0.82 -1.20 -15.20
C GLN A 185 0.30 -1.33 -14.19
N PHE A 186 1.26 -2.20 -14.49
CA PHE A 186 2.44 -2.43 -13.68
C PHE A 186 3.69 -2.18 -14.50
N THR A 187 4.53 -1.26 -14.02
CA THR A 187 5.84 -0.92 -14.54
C THR A 187 6.82 -1.51 -13.53
N VAL A 188 7.56 -2.52 -13.94
CA VAL A 188 8.56 -3.15 -13.11
C VAL A 188 9.93 -2.63 -13.54
N ARG A 189 10.62 -1.91 -12.66
CA ARG A 189 11.92 -1.35 -12.96
C ARG A 189 13.04 -2.27 -12.53
N ALA A 190 14.18 -2.22 -13.27
CA ALA A 190 15.39 -2.98 -12.97
C ALA A 190 16.27 -2.11 -12.09
N GLY A 191 16.26 -2.40 -10.79
CA GLY A 191 17.01 -1.64 -9.79
C GLY A 191 18.43 -2.12 -9.57
N GLU A 192 19.00 -1.73 -8.44
CA GLU A 192 20.38 -2.05 -8.09
C GLU A 192 20.67 -3.56 -8.15
N GLY A 193 21.62 -3.92 -9.03
CA GLY A 193 22.09 -5.28 -9.25
C GLY A 193 21.29 -6.10 -10.24
N VAL A 194 20.23 -5.52 -10.84
CA VAL A 194 19.38 -6.22 -11.80
C VAL A 194 19.88 -5.91 -13.18
N HIS A 195 20.38 -6.94 -13.87
CA HIS A 195 20.94 -6.82 -15.21
C HIS A 195 19.93 -7.25 -16.25
N THR A 196 19.18 -8.31 -15.96
CA THR A 196 18.14 -8.82 -16.84
C THR A 196 16.87 -9.02 -16.04
N LEU A 197 15.76 -8.60 -16.65
CA LEU A 197 14.44 -8.66 -16.05
C LEU A 197 13.45 -8.99 -17.15
N GLU A 198 12.86 -10.18 -17.07
CA GLU A 198 11.89 -10.69 -18.05
C GLU A 198 10.66 -11.21 -17.33
N LEU A 200 7.95 -14.28 -16.64
CA LEU A 200 7.88 -15.72 -16.76
C LEU A 200 6.59 -16.05 -17.53
N ALA A 201 6.43 -17.31 -18.03
CA ALA A 201 5.20 -17.70 -18.73
C ALA A 201 3.96 -17.47 -17.84
N GLU A 202 4.14 -17.54 -16.50
CA GLU A 202 3.10 -17.32 -15.50
C GLU A 202 2.70 -15.83 -15.41
N GLY A 203 3.59 -14.92 -15.85
CA GLY A 203 3.39 -13.47 -15.87
C GLY A 203 2.88 -12.87 -14.56
N ILE A 204 1.98 -11.89 -14.68
CA ILE A 204 1.37 -11.21 -13.54
C ILE A 204 -0.08 -11.69 -13.38
N GLU A 205 -0.38 -12.30 -12.23
CA GLU A 205 -1.71 -12.79 -11.90
C GLU A 205 -2.33 -11.93 -10.78
N ILE A 206 -3.45 -11.29 -11.10
CA ILE A 206 -4.27 -10.43 -10.26
C ILE A 206 -5.54 -11.19 -9.88
N SER A 207 -5.84 -11.26 -8.56
CA SER A 207 -7.04 -11.90 -8.00
C SER A 207 -7.67 -10.99 -6.94
N GLY A 208 -8.90 -11.27 -6.56
CA GLY A 208 -9.63 -10.45 -5.60
C GLY A 208 -10.37 -9.33 -6.29
N ILE A 209 -10.65 -9.51 -7.61
CA ILE A 209 -11.37 -8.57 -8.50
C ILE A 209 -12.82 -9.08 -8.72
N GLN A 210 -13.73 -8.21 -9.22
CA GLN A 210 -15.15 -8.56 -9.47
C GLN A 210 -15.26 -9.87 -10.24
N GLN A 211 -16.25 -10.70 -9.82
CA GLN A 211 -16.58 -11.99 -10.39
C GLN A 211 -17.53 -11.75 -11.58
N PRO A 212 -17.05 -12.07 -12.80
CA PRO A 212 -17.92 -11.91 -13.99
C PRO A 212 -19.09 -12.91 -13.95
N LEU A 213 -18.82 -14.08 -13.39
CA LEU A 213 -19.77 -15.17 -13.30
C LEU A 213 -20.96 -14.85 -12.36
N ASP A 214 -20.82 -13.90 -11.43
CA ASP A 214 -21.92 -13.43 -10.55
C ASP A 214 -22.87 -12.59 -11.42
N ASN A 215 -23.84 -13.25 -12.03
CA ASN A 215 -24.77 -12.65 -12.98
C ASN A 215 -25.92 -11.87 -12.34
N THR A 216 -26.35 -10.80 -13.03
CA THR A 216 -27.49 -9.96 -12.69
C THR A 216 -28.54 -10.07 -13.82
N THR A 217 -29.82 -10.27 -13.46
CA THR A 217 -30.91 -10.29 -14.44
C THR A 217 -31.39 -8.85 -14.66
N SER A 218 -31.15 -7.99 -13.63
CA SER A 218 -31.48 -6.57 -13.55
C SER A 218 -30.47 -5.69 -14.35
N PHE A 219 -30.36 -5.90 -15.69
CA PHE A 219 -29.48 -5.08 -16.56
C PHE A 219 -30.25 -4.62 -17.79
N ASP A 220 -30.60 -3.34 -17.79
CA ASP A 220 -31.33 -2.60 -18.83
C ASP A 220 -30.41 -1.47 -19.32
N TRP A 221 -29.44 -1.84 -20.16
CA TRP A 221 -28.40 -0.96 -20.67
C TRP A 221 -28.94 0.27 -21.41
N VAL A 222 -29.97 0.09 -22.25
CA VAL A 222 -30.56 1.17 -23.04
C VAL A 222 -31.21 2.28 -22.15
N ASN A 223 -31.58 1.96 -20.91
CA ASN A 223 -32.19 2.97 -20.05
C ASN A 223 -31.20 3.55 -19.01
N GLY A 224 -29.93 3.22 -19.13
CA GLY A 224 -28.88 3.78 -18.29
C GLY A 224 -28.14 2.88 -17.31
N ASP A 225 -28.42 1.55 -17.30
CA ASP A 225 -27.71 0.62 -16.41
C ASP A 225 -26.27 0.48 -16.86
N VAL A 226 -25.37 0.39 -15.88
CA VAL A 226 -23.91 0.31 -16.01
C VAL A 226 -23.39 -0.77 -15.06
N LEU A 227 -22.19 -1.31 -15.34
CA LEU A 227 -21.55 -2.36 -14.53
C LEU A 227 -21.44 -1.94 -13.06
N PRO A 228 -21.89 -2.79 -12.12
CA PRO A 228 -21.77 -2.42 -10.69
C PRO A 228 -20.33 -2.50 -10.17
N VAL A 229 -20.00 -1.67 -9.16
CA VAL A 229 -18.68 -1.71 -8.54
C VAL A 229 -18.81 -2.73 -7.40
N LYS A 230 -18.67 -4.02 -7.74
CA LYS A 230 -18.84 -5.11 -6.77
C LYS A 230 -17.61 -5.39 -5.94
N VAL A 231 -17.82 -5.88 -4.72
CA VAL A 231 -16.74 -6.37 -3.85
C VAL A 231 -16.10 -7.56 -4.61
N GLY A 232 -14.77 -7.56 -4.68
CA GLY A 232 -14.00 -8.60 -5.36
C GLY A 232 -14.10 -9.95 -4.70
N ASP A 233 -13.63 -10.94 -5.44
CA ASP A 233 -13.65 -12.36 -5.15
C ASP A 233 -12.25 -12.93 -5.40
N GLN A 234 -11.67 -13.59 -4.41
CA GLN A 234 -10.36 -14.25 -4.54
C GLN A 234 -10.40 -15.31 -5.60
N SER A 235 -11.58 -15.96 -5.79
CA SER A 235 -11.75 -16.97 -6.86
C SER A 235 -11.68 -16.31 -8.28
N ALA A 236 -11.95 -15.00 -8.38
CA ALA A 236 -11.93 -14.30 -9.65
C ALA A 236 -10.54 -13.75 -9.90
N SER A 237 -9.93 -14.12 -11.05
CA SER A 237 -8.56 -13.72 -11.40
C SER A 237 -8.34 -13.43 -12.91
N VAL A 238 -7.22 -12.79 -13.21
CA VAL A 238 -6.80 -12.49 -14.58
C VAL A 238 -5.24 -12.60 -14.66
N ARG A 239 -4.72 -13.08 -15.80
CA ARG A 239 -3.28 -13.23 -16.02
C ARG A 239 -2.78 -12.33 -17.15
N ILE A 240 -1.73 -11.56 -16.89
CA ILE A 240 -1.05 -10.71 -17.88
C ILE A 240 0.18 -11.52 -18.26
N THR A 241 0.30 -11.92 -19.53
CA THR A 241 1.43 -12.74 -19.96
C THR A 241 2.39 -11.90 -20.80
N GLN A 242 1.89 -10.77 -21.36
CA GLN A 242 2.69 -9.92 -22.24
C GLN A 242 3.02 -8.57 -21.63
N ALA A 243 4.26 -8.13 -21.87
CA ALA A 243 4.79 -6.87 -21.39
C ALA A 243 5.57 -6.18 -22.46
N THR A 244 5.75 -4.85 -22.35
CA THR A 244 6.57 -4.08 -23.30
C THR A 244 7.83 -3.59 -22.58
N ARG A 245 8.90 -3.33 -23.32
CA ARG A 245 10.09 -2.84 -22.68
C ARG A 245 10.33 -1.38 -22.92
N ASN A 246 10.67 -0.64 -21.86
CA ASN A 246 11.05 0.76 -21.90
C ASN A 246 12.55 0.83 -22.07
N ALA A 247 13.07 2.01 -22.46
CA ALA A 247 14.48 2.24 -22.75
C ALA A 247 15.39 1.98 -21.53
N ASP A 248 14.85 2.22 -20.33
CA ASP A 248 15.52 2.03 -19.04
C ASP A 248 15.50 0.55 -18.56
N ASN A 249 15.03 -0.40 -19.43
CA ASN A 249 14.96 -1.84 -19.25
C ASN A 249 13.80 -2.24 -18.36
N SER A 250 12.91 -1.30 -18.03
CA SER A 250 11.72 -1.62 -17.26
C SER A 250 10.67 -2.29 -18.14
N LEU A 251 9.77 -3.08 -17.52
CA LEU A 251 8.69 -3.80 -18.19
C LEU A 251 7.38 -3.13 -17.90
N VAL A 252 6.49 -3.09 -18.90
CA VAL A 252 5.15 -2.52 -18.69
C VAL A 252 4.09 -3.58 -19.09
N ALA A 253 3.32 -4.01 -18.10
CA ALA A 253 2.19 -4.93 -18.24
C ALA A 253 0.88 -4.22 -17.87
N HIS A 254 -0.21 -4.53 -18.55
CA HIS A 254 -1.51 -3.91 -18.26
C HIS A 254 -2.65 -4.82 -18.64
N THR A 255 -3.82 -4.55 -18.07
CA THR A 255 -5.00 -5.33 -18.32
C THR A 255 -6.22 -4.58 -17.86
N GLY A 256 -7.37 -5.00 -18.40
CA GLY A 256 -8.66 -4.47 -18.00
C GLY A 256 -9.12 -5.29 -16.83
N VAL A 257 -9.81 -4.65 -15.87
CA VAL A 257 -10.42 -5.31 -14.74
C VAL A 257 -11.80 -4.68 -14.56
N LEU A 258 -12.79 -5.48 -14.21
CA LEU A 258 -14.16 -4.99 -14.02
C LEU A 258 -14.20 -4.14 -12.79
N PRO A 259 -15.02 -3.05 -12.74
CA PRO A 259 -15.04 -2.22 -11.50
C PRO A 259 -15.10 -3.05 -10.18
N THR A 260 -14.13 -2.82 -9.28
CA THR A 260 -13.94 -3.55 -8.01
C THR A 260 -13.88 -2.64 -6.77
N ASP A 261 -14.61 -3.05 -5.71
CA ASP A 261 -14.58 -2.43 -4.39
C ASP A 261 -13.54 -3.15 -3.53
N ALA A 262 -12.29 -2.64 -3.55
CA ALA A 262 -11.22 -3.18 -2.71
C ALA A 262 -10.89 -2.18 -1.58
N ARG A 263 -11.94 -1.54 -1.00
CA ARG A 263 -11.75 -0.59 0.08
C ARG A 263 -11.44 -1.32 1.38
N SER A 264 -12.24 -2.35 1.70
CA SER A 264 -12.07 -3.16 2.93
C SER A 264 -11.47 -4.52 2.60
N HIS A 265 -11.33 -4.85 1.29
CA HIS A 265 -10.80 -6.15 0.84
C HIS A 265 -9.61 -5.96 -0.05
N SER A 266 -8.82 -7.01 -0.23
CA SER A 266 -7.59 -6.87 -0.98
C SER A 266 -7.61 -7.54 -2.31
N ILE A 267 -6.77 -6.96 -3.19
CA ILE A 267 -6.38 -7.42 -4.51
C ILE A 267 -4.97 -7.97 -4.32
N SER A 268 -4.68 -9.13 -4.89
CA SER A 268 -3.36 -9.74 -4.79
C SER A 268 -2.69 -9.78 -6.17
N VAL A 269 -1.48 -9.25 -6.26
CA VAL A 269 -0.75 -9.25 -7.52
C VAL A 269 0.44 -10.12 -7.31
N LEU A 270 0.50 -11.22 -8.06
CA LEU A 270 1.61 -12.14 -8.04
C LEU A 270 2.44 -11.93 -9.30
N LEU A 271 3.63 -11.41 -9.15
CA LEU A 271 4.53 -11.12 -10.27
C LEU A 271 5.53 -12.24 -10.37
N ASN A 272 5.50 -12.97 -11.49
CA ASN A 272 6.40 -14.09 -11.79
C ASN A 272 7.41 -13.58 -12.79
N LEU A 273 8.63 -13.28 -12.30
CA LEU A 273 9.68 -12.65 -13.12
C LEU A 273 10.96 -13.44 -13.10
N LYS A 274 11.75 -13.29 -14.18
CA LYS A 274 13.06 -13.90 -14.32
C LYS A 274 14.10 -12.80 -14.08
N VAL A 275 14.62 -12.71 -12.84
CA VAL A 275 15.60 -11.71 -12.44
C VAL A 275 17.01 -12.32 -12.54
N ASN A 276 17.87 -11.70 -13.35
CA ASN A 276 19.24 -12.14 -13.60
C ASN A 276 19.31 -13.65 -13.91
N GLY A 277 18.36 -14.14 -14.71
CA GLY A 277 18.29 -15.53 -15.14
C GLY A 277 17.60 -16.51 -14.19
N ASN A 278 17.28 -16.07 -12.97
CA ASN A 278 16.63 -16.96 -11.99
C ASN A 278 15.14 -16.63 -11.83
N PRO A 279 14.25 -17.66 -11.80
CA PRO A 279 12.81 -17.39 -11.59
C PRO A 279 12.51 -16.91 -10.17
N THR A 280 11.70 -15.85 -10.05
CA THR A 280 11.29 -15.25 -8.76
C THR A 280 9.76 -15.05 -8.76
N GLN A 281 9.16 -14.86 -7.57
CA GLN A 281 7.73 -14.54 -7.39
C GLN A 281 7.58 -13.55 -6.23
N TYR A 282 6.79 -12.50 -6.45
CA TYR A 282 6.53 -11.45 -5.48
C TYR A 282 5.06 -11.20 -5.35
N GLN A 283 4.61 -10.94 -4.13
CA GLN A 283 3.20 -10.63 -3.94
C GLN A 283 2.97 -9.22 -3.46
N LEU A 285 -0.07 -6.90 -2.18
CA LEU A 285 -1.41 -6.92 -1.65
C LEU A 285 -1.86 -5.46 -1.62
N LEU A 286 -2.91 -5.13 -2.39
CA LEU A 286 -3.37 -3.72 -2.51
C LEU A 286 -4.71 -3.55 -1.85
N THR A 287 -4.92 -2.43 -1.12
CA THR A 287 -6.16 -2.16 -0.38
C THR A 287 -6.47 -0.64 -0.39
N GLY A 288 -7.70 -0.29 -0.03
CA GLY A 288 -8.15 1.10 0.03
C GLY A 288 -8.39 1.70 -1.33
N LEU A 289 -8.76 0.81 -2.24
CA LEU A 289 -8.96 1.06 -3.64
C LEU A 289 -10.37 0.87 -4.11
N TYR A 290 -10.91 1.86 -4.78
CA TYR A 290 -12.22 1.78 -5.42
C TYR A 290 -11.94 1.86 -6.91
N LEU A 291 -11.88 0.71 -7.61
CA LEU A 291 -11.57 0.65 -9.05
C LEU A 291 -12.81 0.84 -9.84
N THR A 292 -12.86 1.92 -10.61
CA THR A 292 -14.04 2.30 -11.40
C THR A 292 -13.74 2.38 -12.88
N ALA A 293 -14.81 2.34 -13.71
CA ALA A 293 -14.81 2.41 -15.17
C ALA A 293 -14.14 3.67 -15.65
N GLY A 294 -13.26 3.52 -16.62
CA GLY A 294 -12.58 4.64 -17.25
C GLY A 294 -11.32 5.12 -16.54
N HIS A 295 -10.90 4.44 -15.47
CA HIS A 295 -9.71 4.86 -14.72
C HIS A 295 -8.59 3.85 -14.78
N SER A 296 -7.33 4.35 -14.66
CA SER A 296 -6.08 3.59 -14.66
C SER A 296 -5.51 3.57 -13.28
N TYR A 297 -5.10 2.37 -12.83
CA TYR A 297 -4.51 2.14 -11.51
C TYR A 297 -3.13 1.66 -11.80
N ASN A 298 -2.16 2.60 -11.70
CA ASN A 298 -0.77 2.38 -12.13
C ASN A 298 0.20 2.26 -11.02
N TYR A 299 0.99 1.20 -11.11
CA TYR A 299 1.97 0.84 -10.13
C TYR A 299 3.35 0.79 -10.73
N THR A 300 4.31 1.36 -9.98
CA THR A 300 5.72 1.40 -10.30
C THR A 300 6.43 0.62 -9.18
N ALA A 301 6.89 -0.60 -9.54
CA ALA A 301 7.56 -1.59 -8.68
C ALA A 301 9.00 -1.72 -9.10
N THR A 302 9.93 -1.77 -8.16
CA THR A 302 11.36 -1.86 -8.45
C THR A 302 11.92 -3.12 -7.87
N VAL A 303 12.63 -3.90 -8.70
CA VAL A 303 13.31 -5.11 -8.26
C VAL A 303 14.75 -4.71 -7.85
N LYS A 304 15.10 -4.93 -6.59
CA LYS A 304 16.42 -4.58 -6.03
C LYS A 304 17.14 -5.79 -5.48
N ILE A 305 18.48 -5.73 -5.43
CA ILE A 305 19.34 -6.71 -4.74
C ILE A 305 19.87 -5.98 -3.51
N SER A 306 19.47 -6.40 -2.29
CA SER A 306 19.91 -5.75 -1.03
C SER A 306 21.29 -6.25 -0.62
N ASN A 307 21.49 -7.58 -0.62
CA ASN A 307 22.77 -8.22 -0.34
C ASN A 307 22.98 -9.26 -1.44
N GLY A 308 22.28 -10.37 -1.31
CA GLY A 308 22.21 -11.46 -2.27
C GLY A 308 20.74 -11.71 -2.54
N VAL A 309 19.92 -11.21 -1.60
CA VAL A 309 18.47 -11.28 -1.55
C VAL A 309 17.84 -10.27 -2.55
N THR A 310 16.85 -10.75 -3.31
CA THR A 310 16.12 -9.92 -4.28
C THR A 310 14.81 -9.47 -3.62
N VAL A 311 14.49 -8.16 -3.70
CA VAL A 311 13.24 -7.61 -3.16
C VAL A 311 12.49 -6.78 -4.20
N LEU A 312 11.20 -6.61 -3.95
CA LEU A 312 10.29 -5.78 -4.73
C LEU A 312 9.76 -4.71 -3.82
N THR A 313 9.90 -3.46 -4.25
CA THR A 313 9.42 -2.30 -3.50
C THR A 313 8.50 -1.45 -4.37
N TRP A 314 7.45 -0.94 -3.76
CA TRP A 314 6.54 -0.05 -4.47
C TRP A 314 5.91 0.94 -3.51
N GLN A 315 5.09 1.85 -4.05
CA GLN A 315 4.39 2.85 -3.29
C GLN A 315 2.88 2.60 -3.39
N ASN A 316 2.23 2.58 -2.21
CA ASN A 316 0.77 2.46 -2.11
C ASN A 316 0.16 3.82 -2.11
N ARG A 317 -0.95 3.97 -2.81
CA ARG A 317 -1.77 5.17 -2.82
C ARG A 317 -3.19 4.67 -2.63
N SER A 318 -3.74 4.98 -1.46
CA SER A 318 -5.09 4.59 -1.07
C SER A 318 -5.85 5.81 -0.63
N TRP A 319 -7.14 5.69 -0.46
CA TRP A 319 -7.96 6.76 0.08
C TRP A 319 -9.13 6.10 0.79
N THR A 320 -9.69 6.80 1.77
CA THR A 320 -10.82 6.38 2.57
C THR A 320 -11.65 7.66 2.89
N GLU A 321 -12.93 7.50 3.22
CA GLU A 321 -13.83 8.63 3.50
C GLU A 321 -14.15 8.74 4.97
N ASN A 322 -14.66 9.89 5.38
CA ASN A 322 -15.08 10.11 6.75
C ASN A 322 -16.30 9.26 7.00
N VAL A 323 -16.31 8.57 8.13
CA VAL A 323 -17.39 7.67 8.50
C VAL A 323 -18.45 8.46 9.33
N VAL A 324 -17.98 9.47 10.11
CA VAL A 324 -18.80 10.36 10.95
C VAL A 324 -19.74 11.20 10.05
N ASP B 12 36.57 -1.76 50.25
CA ASP B 12 37.45 -2.83 49.76
C ASP B 12 37.17 -3.19 48.29
N ARG B 13 36.01 -2.72 47.73
CA ARG B 13 35.51 -2.97 46.37
C ARG B 13 36.07 -1.93 45.35
N VAL B 14 35.46 -1.81 44.15
CA VAL B 14 35.88 -0.90 43.06
C VAL B 14 34.65 -0.11 42.54
N ARG B 15 34.75 1.23 42.39
CA ARG B 15 33.64 2.07 41.92
C ARG B 15 33.49 1.96 40.41
N ILE B 16 32.26 1.77 39.94
CA ILE B 16 31.98 1.60 38.51
C ILE B 16 31.43 2.90 37.91
N ASP B 17 32.20 3.45 36.96
CA ASP B 17 31.89 4.66 36.22
C ASP B 17 31.49 4.25 34.77
N PRO B 18 30.18 4.06 34.49
CA PRO B 18 29.80 3.63 33.15
C PRO B 18 29.80 4.78 32.15
N VAL B 19 30.24 4.49 30.93
CA VAL B 19 30.33 5.47 29.84
C VAL B 19 29.38 5.03 28.74
N ALA B 20 28.39 5.89 28.43
CA ALA B 20 27.35 5.67 27.41
C ALA B 20 27.93 5.33 26.04
N GLY B 21 27.32 4.34 25.38
CA GLY B 21 27.74 3.88 24.06
C GLY B 21 26.81 4.29 22.96
N GLY B 22 25.74 5.00 23.31
CA GLY B 22 24.73 5.51 22.40
C GLY B 22 23.69 4.48 22.00
N TYR B 23 22.96 4.77 20.92
CA TYR B 23 21.98 3.84 20.44
C TYR B 23 21.85 3.89 18.91
N TYR B 24 21.40 2.78 18.33
CA TYR B 24 21.09 2.70 16.92
C TYR B 24 19.63 3.03 16.79
N PRO B 25 19.27 4.16 16.15
CA PRO B 25 17.85 4.51 16.04
C PRO B 25 17.10 3.63 15.06
N SER B 26 15.79 3.62 15.18
CA SER B 26 14.90 2.88 14.31
C SER B 26 15.00 3.40 12.85
N ILE B 27 15.03 2.48 11.85
CA ILE B 27 15.11 2.82 10.42
C ILE B 27 14.00 2.11 9.63
N SER B 28 13.82 2.49 8.37
CA SER B 28 12.80 1.83 7.55
C SER B 28 13.27 0.44 7.12
N PRO B 29 12.34 -0.52 6.87
CA PRO B 29 12.77 -1.83 6.37
C PRO B 29 13.48 -1.78 5.02
N SER B 30 14.22 -2.85 4.77
CA SER B 30 15.02 -3.19 3.60
C SER B 30 15.48 -4.62 3.85
N ALA B 31 15.45 -5.48 2.80
CA ALA B 31 15.79 -6.91 2.83
C ALA B 31 16.96 -7.27 3.77
N GLN B 32 16.65 -8.14 4.75
CA GLN B 32 17.51 -8.60 5.84
C GLN B 32 18.73 -9.42 5.38
N THR B 33 19.79 -9.40 6.22
CA THR B 33 21.01 -10.19 6.02
C THR B 33 20.69 -11.58 6.57
N ARG B 34 20.43 -12.53 5.66
CA ARG B 34 20.05 -13.91 5.98
C ARG B 34 21.27 -14.77 6.39
N GLY B 35 22.35 -14.10 6.82
CA GLY B 35 23.61 -14.72 7.19
C GLY B 35 23.82 -15.21 8.61
N ALA B 36 25.09 -15.14 9.04
CA ALA B 36 25.64 -15.61 10.31
C ALA B 36 25.02 -14.97 11.52
N THR B 37 24.81 -15.78 12.55
CA THR B 37 24.34 -15.32 13.83
C THR B 37 25.56 -15.35 14.75
N PRO B 38 26.09 -14.22 15.30
CA PRO B 38 25.65 -12.82 15.21
C PRO B 38 26.12 -12.11 13.92
N ASP B 39 25.27 -11.20 13.47
CA ASP B 39 25.36 -10.37 12.27
C ASP B 39 26.26 -9.15 12.53
N GLY B 40 27.34 -9.02 11.76
CA GLY B 40 28.25 -7.89 11.88
C GLY B 40 28.13 -6.89 10.75
N GLU B 41 27.26 -7.20 9.79
CA GLU B 41 27.08 -6.41 8.57
C GLU B 41 25.86 -5.47 8.55
N THR B 42 24.78 -5.80 9.28
CA THR B 42 23.55 -5.03 9.28
C THR B 42 23.77 -3.59 9.79
N LEU B 43 24.57 -3.43 10.86
CA LEU B 43 24.80 -2.14 11.51
C LEU B 43 26.12 -1.48 11.17
N LYS B 44 26.96 -2.09 10.31
CA LYS B 44 28.29 -1.54 10.01
C LYS B 44 28.22 -0.06 9.57
N ASP B 45 27.32 0.31 8.63
CA ASP B 45 27.20 1.70 8.15
C ASP B 45 26.06 2.47 8.82
N ARG B 46 25.59 2.01 9.97
CA ARG B 46 24.51 2.66 10.68
C ARG B 46 25.07 3.68 11.66
N PRO B 47 24.52 4.92 11.67
CA PRO B 47 25.03 5.91 12.63
C PRO B 47 24.48 5.66 14.01
N ILE B 48 25.29 6.03 15.02
CA ILE B 48 24.93 5.91 16.42
C ILE B 48 24.56 7.30 16.92
N PHE B 49 23.39 7.40 17.57
CA PHE B 49 22.91 8.64 18.18
C PHE B 49 23.26 8.63 19.65
N LEU B 50 23.28 9.81 20.29
CA LEU B 50 23.52 9.90 21.73
C LEU B 50 22.27 9.49 22.43
N LEU B 51 22.38 8.85 23.61
CA LEU B 51 21.20 8.49 24.39
C LEU B 51 20.46 9.78 24.70
N GLU B 52 19.14 9.79 24.57
CA GLU B 52 18.36 11.02 24.76
C GLU B 52 18.45 11.54 26.21
N ASP B 53 18.65 12.85 26.34
CA ASP B 53 18.75 13.52 27.63
C ASP B 53 17.48 13.27 28.45
N GLY B 54 17.65 12.84 29.70
CA GLY B 54 16.57 12.56 30.63
C GLY B 54 16.09 11.12 30.64
N SER B 55 16.57 10.31 29.68
CA SER B 55 16.25 8.89 29.60
C SER B 55 17.03 8.13 30.68
N THR B 56 16.57 6.92 31.01
CA THR B 56 17.25 6.12 32.03
C THR B 56 17.75 4.83 31.42
N ILE B 57 18.83 4.30 31.97
CA ILE B 57 19.38 3.01 31.56
C ILE B 57 19.51 2.14 32.80
N ARG B 58 19.25 0.85 32.67
CA ARG B 58 19.46 -0.15 33.72
C ARG B 58 20.66 -1.02 33.37
N LEU B 59 21.58 -1.14 34.30
CA LEU B 59 22.74 -1.99 34.13
C LEU B 59 22.41 -3.30 34.85
N VAL B 60 22.27 -4.42 34.10
CA VAL B 60 21.95 -5.78 34.57
C VAL B 60 23.27 -6.54 34.63
N VAL B 61 23.67 -7.00 35.83
CA VAL B 61 24.94 -7.71 36.04
C VAL B 61 24.70 -9.22 36.24
N TYR B 62 25.59 -10.02 35.63
CA TYR B 62 25.64 -11.49 35.70
C TYR B 62 27.05 -11.95 36.10
N ASP B 63 27.20 -13.13 36.73
CA ASP B 63 28.53 -13.64 37.06
C ASP B 63 29.16 -14.26 35.79
N ASP B 64 30.37 -14.86 35.90
CA ASP B 64 31.07 -15.49 34.77
C ASP B 64 30.29 -16.70 34.18
N ALA B 65 29.37 -17.28 34.96
CA ALA B 65 28.53 -18.40 34.54
C ALA B 65 27.15 -17.94 34.01
N LYS B 66 26.98 -16.61 33.79
CA LYS B 66 25.79 -15.93 33.25
C LYS B 66 24.56 -16.01 34.20
N ASN B 67 24.80 -16.00 35.54
CA ASN B 67 23.75 -16.02 36.57
C ASN B 67 23.52 -14.60 37.09
N LEU B 68 22.25 -14.22 37.25
CA LEU B 68 21.84 -12.88 37.68
C LEU B 68 22.37 -12.48 39.06
N LEU B 69 22.92 -11.25 39.14
CA LEU B 69 23.44 -10.69 40.38
C LEU B 69 22.62 -9.45 40.73
N GLU B 70 21.42 -9.68 41.30
CA GLU B 70 20.43 -8.69 41.73
C GLU B 70 21.08 -7.53 42.53
N GLU B 71 22.09 -7.84 43.37
CA GLU B 71 22.81 -6.88 44.22
C GLU B 71 23.54 -5.79 43.39
N TYR B 72 24.01 -6.14 42.17
CA TYR B 72 24.73 -5.18 41.34
C TYR B 72 23.82 -4.51 40.30
N SER B 73 22.48 -4.67 40.43
CA SER B 73 21.53 -4.04 39.53
C SER B 73 21.51 -2.53 39.83
N LYS B 74 21.76 -1.69 38.80
CA LYS B 74 21.85 -0.22 38.97
C LYS B 74 21.17 0.51 37.83
N ALA B 75 20.52 1.65 38.16
CA ALA B 75 19.84 2.54 37.23
C ALA B 75 20.59 3.87 37.12
N TYR B 76 20.61 4.44 35.90
CA TYR B 76 21.32 5.71 35.66
C TYR B 76 20.47 6.71 34.91
N LEU B 77 20.69 8.02 35.16
CA LEU B 77 19.99 9.10 34.46
C LEU B 77 20.96 9.70 33.43
N VAL B 78 20.46 9.90 32.21
CA VAL B 78 21.26 10.43 31.12
C VAL B 78 21.13 11.95 31.09
N ARG B 79 22.27 12.64 30.97
CA ARG B 79 22.37 14.08 30.81
C ARG B 79 23.49 14.35 29.81
N ASN B 80 23.12 14.90 28.65
CA ASN B 80 24.04 15.25 27.56
C ASN B 80 24.80 16.52 27.95
N ALA B 81 25.54 16.43 29.06
CA ALA B 81 26.29 17.51 29.67
C ALA B 81 27.81 17.37 29.48
N GLY B 82 28.28 16.31 28.81
CA GLY B 82 29.70 16.07 28.54
C GLY B 82 30.35 17.02 27.53
N THR B 83 31.67 16.82 27.28
CA THR B 83 32.47 17.63 26.32
C THR B 83 31.88 17.50 24.91
N SER B 84 31.46 18.65 24.30
CA SER B 84 30.80 18.80 22.98
C SER B 84 29.41 18.12 22.96
N GLY B 85 28.64 18.35 24.03
CA GLY B 85 27.29 17.81 24.17
C GLY B 85 27.19 16.30 24.42
N SER B 86 28.32 15.62 24.75
CA SER B 86 28.43 14.17 25.08
C SER B 86 27.52 13.75 26.25
N SER B 87 27.17 12.46 26.29
CA SER B 87 26.32 11.91 27.36
C SER B 87 27.13 11.60 28.63
N LEU B 88 26.49 11.85 29.81
CA LEU B 88 26.98 11.53 31.16
C LEU B 88 25.93 10.73 31.94
N LEU B 89 26.34 9.66 32.66
CA LEU B 89 25.44 8.75 33.38
C LEU B 89 25.49 8.94 34.90
N TYR B 90 24.36 9.36 35.49
CA TYR B 90 24.24 9.66 36.92
C TYR B 90 23.44 8.61 37.66
N PRO B 91 24.01 7.98 38.71
CA PRO B 91 23.23 7.00 39.49
C PRO B 91 21.90 7.59 39.97
N CYS B 92 20.83 6.83 39.81
CA CYS B 92 19.51 7.29 40.21
C CYS B 92 18.68 6.12 40.76
N GLU B 93 17.49 6.44 41.27
CA GLU B 93 16.52 5.47 41.78
C GLU B 93 15.29 5.57 40.92
N VAL B 94 14.79 4.43 40.43
CA VAL B 94 13.64 4.44 39.53
C VAL B 94 12.50 3.54 40.02
N ASP B 95 11.31 3.73 39.41
CA ASP B 95 10.14 2.91 39.64
C ASP B 95 10.26 1.68 38.70
N ASP B 96 9.30 0.75 38.73
CA ASP B 96 9.36 -0.46 37.90
C ASP B 96 9.27 -0.14 36.39
N ASN B 97 8.82 1.07 36.02
CA ASN B 97 8.71 1.49 34.63
C ASN B 97 9.93 2.27 34.14
N GLY B 98 10.90 2.49 35.02
CA GLY B 98 12.14 3.18 34.73
C GLY B 98 12.12 4.70 34.87
N ALA B 99 11.08 5.27 35.46
CA ALA B 99 11.00 6.71 35.70
C ALA B 99 11.72 7.07 36.99
N VAL B 100 12.50 8.20 37.04
CA VAL B 100 13.20 8.55 38.29
C VAL B 100 12.19 8.92 39.39
N ILE B 101 12.41 8.36 40.59
CA ILE B 101 11.57 8.58 41.77
C ILE B 101 12.31 9.39 42.85
N SER B 102 13.64 9.34 42.92
CA SER B 102 14.31 10.16 43.94
C SER B 102 15.65 10.73 43.47
N SER B 103 16.18 11.66 44.31
CA SER B 103 17.41 12.41 44.12
C SER B 103 18.63 11.50 44.18
N SER B 104 18.77 10.74 45.31
CA SER B 104 19.85 9.82 45.68
C SER B 104 20.66 9.27 44.48
N SER B 105 21.98 9.54 44.54
CA SER B 105 23.00 9.16 43.57
C SER B 105 24.07 8.35 44.30
N THR B 106 23.78 7.05 44.48
CA THR B 106 24.62 6.08 45.17
C THR B 106 25.43 5.32 44.11
N PRO B 107 26.78 5.48 44.10
CA PRO B 107 27.60 4.78 43.09
C PRO B 107 27.58 3.26 43.22
N LEU B 108 27.69 2.56 42.08
CA LEU B 108 27.76 1.11 42.01
C LEU B 108 29.19 0.66 42.31
N TYR B 109 29.35 -0.07 43.41
CA TYR B 109 30.62 -0.67 43.81
C TYR B 109 30.50 -2.17 43.61
N LYS B 111 32.79 -6.18 43.46
CA LYS B 111 34.03 -6.86 43.80
C LYS B 111 34.77 -7.22 42.49
N ALA B 112 36.06 -7.56 42.60
CA ALA B 112 36.91 -7.98 41.49
C ALA B 112 36.40 -9.31 40.90
N GLY B 113 36.50 -9.42 39.58
CA GLY B 113 36.07 -10.61 38.86
C GLY B 113 35.55 -10.31 37.46
N THR B 114 35.18 -11.37 36.74
CA THR B 114 34.65 -11.26 35.39
C THR B 114 33.15 -11.38 35.48
N TYR B 115 32.47 -10.40 34.88
CA TYR B 115 31.02 -10.25 34.85
C TYR B 115 30.48 -9.98 33.44
N TYR B 116 29.27 -10.46 33.17
CA TYR B 116 28.54 -10.18 31.93
C TYR B 116 27.58 -9.07 32.25
N PHE B 117 27.31 -8.19 31.29
CA PHE B 117 26.36 -7.13 31.59
C PHE B 117 25.48 -6.83 30.38
N ARG B 118 24.21 -6.54 30.67
CA ARG B 118 23.19 -6.17 29.70
C ARG B 118 22.62 -4.82 30.08
N ILE B 119 22.06 -4.11 29.09
CA ILE B 119 21.48 -2.78 29.27
C ILE B 119 20.05 -2.80 28.77
N LEU B 120 19.22 -2.01 29.44
CA LEU B 120 17.81 -1.74 29.13
C LEU B 120 17.57 -0.26 29.26
N SER B 121 16.74 0.31 28.37
CA SER B 121 16.36 1.71 28.44
C SER B 121 14.95 1.85 27.89
N PRO B 122 13.95 2.29 28.71
CA PRO B 122 14.03 2.77 30.11
C PRO B 122 14.52 1.73 31.11
N ALA B 123 14.97 2.19 32.31
CA ALA B 123 15.49 1.33 33.38
C ALA B 123 14.35 0.54 34.06
N LYS B 124 13.58 -0.20 33.23
CA LYS B 124 12.45 -1.02 33.68
C LYS B 124 12.93 -2.15 34.61
N ALA B 125 12.06 -2.57 35.55
CA ALA B 125 12.38 -3.64 36.49
C ALA B 125 12.33 -5.02 35.82
N LEU B 126 13.24 -5.91 36.23
CA LEU B 126 13.30 -7.26 35.70
C LEU B 126 12.19 -8.10 36.30
N ASN B 127 11.55 -8.93 35.47
CA ASN B 127 10.50 -9.82 35.92
C ASN B 127 11.10 -11.15 36.42
N SER B 128 10.26 -12.11 36.82
CA SER B 128 10.66 -13.42 37.36
C SER B 128 11.56 -14.23 36.39
N LYS B 129 11.30 -14.11 35.07
CA LYS B 129 12.01 -14.82 34.01
C LYS B 129 13.35 -14.15 33.60
N GLY B 130 13.72 -13.05 34.25
CA GLY B 130 14.97 -12.35 33.98
C GLY B 130 14.94 -11.31 32.88
N PHE B 131 13.77 -11.11 32.23
CA PHE B 131 13.59 -10.06 31.22
C PHE B 131 12.69 -8.95 31.81
N VAL B 132 12.09 -8.12 30.96
CA VAL B 132 11.21 -7.05 31.36
C VAL B 132 9.82 -7.27 30.77
N ASN B 133 8.80 -6.73 31.44
CA ASN B 133 7.43 -6.74 30.95
C ASN B 133 7.30 -5.62 29.89
N ILE B 134 6.93 -5.98 28.64
CA ILE B 134 6.81 -4.99 27.58
C ILE B 134 5.59 -5.29 26.73
N GLY B 135 4.75 -4.28 26.56
CA GLY B 135 3.54 -4.32 25.75
C GLY B 135 3.62 -3.44 24.52
N ASN B 136 2.46 -3.04 23.99
CA ASN B 136 2.37 -2.15 22.86
C ASN B 136 2.29 -0.75 23.39
N GLY B 137 2.72 0.22 22.56
CA GLY B 137 2.71 1.62 22.96
C GLY B 137 3.88 1.99 23.84
N GLU B 138 5.04 1.34 23.60
CA GLU B 138 6.27 1.65 24.31
C GLU B 138 7.51 1.23 23.53
N TYR B 139 8.61 1.96 23.75
CA TYR B 139 9.91 1.67 23.16
C TYR B 139 10.80 1.10 24.21
N LEU B 140 11.68 0.16 23.81
CA LEU B 140 12.68 -0.42 24.69
C LEU B 140 13.95 -0.65 23.93
N LEU B 141 14.97 0.09 24.34
CA LEU B 141 16.32 -0.03 23.84
C LEU B 141 17.02 -1.00 24.74
N ALA B 142 17.79 -1.90 24.18
CA ALA B 142 18.48 -2.90 24.99
C ALA B 142 19.64 -3.53 24.22
N THR B 143 20.34 -4.42 24.92
CA THR B 143 21.42 -5.28 24.42
C THR B 143 20.77 -6.25 23.42
N ASP B 144 21.38 -6.43 22.26
CA ASP B 144 20.84 -7.33 21.25
C ASP B 144 21.92 -8.28 20.77
N ASP B 145 21.72 -9.58 20.98
CA ASP B 145 22.70 -10.58 20.58
C ASP B 145 22.62 -10.91 19.09
N ARG B 146 21.63 -10.33 18.38
CA ARG B 146 21.47 -10.55 16.94
C ARG B 146 22.58 -9.86 16.15
N TYR B 147 23.17 -8.79 16.69
CA TYR B 147 24.23 -8.03 16.00
C TYR B 147 25.45 -7.95 16.87
N THR B 148 26.63 -7.98 16.26
CA THR B 148 27.91 -7.98 17.00
C THR B 148 28.13 -6.65 17.74
N GLN B 149 27.74 -5.54 17.10
CA GLN B 149 27.93 -4.18 17.61
C GLN B 149 27.20 -3.95 18.96
N THR B 150 26.02 -4.59 19.12
CA THR B 150 25.10 -4.46 20.24
C THR B 150 25.08 -5.68 21.18
N ALA B 151 25.81 -6.75 20.80
CA ALA B 151 25.91 -7.99 21.59
C ALA B 151 26.50 -7.75 22.96
N THR B 153 28.59 -7.99 26.37
CA THR B 153 30.03 -8.04 26.62
C THR B 153 30.30 -8.41 28.07
N ALA B 154 31.52 -8.88 28.29
CA ALA B 154 32.04 -9.21 29.61
C ALA B 154 33.04 -8.13 30.01
N VAL B 155 33.16 -7.92 31.32
CA VAL B 155 34.10 -6.96 31.92
C VAL B 155 34.86 -7.65 33.03
N THR B 156 36.17 -7.39 33.10
CA THR B 156 37.01 -7.92 34.18
C THR B 156 37.36 -6.74 35.07
N ILE B 157 37.01 -6.83 36.35
CA ILE B 157 37.28 -5.79 37.34
C ILE B 157 38.53 -6.22 38.13
N THR B 158 39.55 -5.33 38.19
CA THR B 158 40.82 -5.58 38.87
C THR B 158 40.90 -4.86 40.22
N ASN B 168 40.92 1.24 42.97
CA ASN B 168 40.13 2.41 43.32
C ASN B 168 38.84 2.48 42.49
N VAL B 169 38.93 2.83 41.18
CA VAL B 169 37.75 2.94 40.28
C VAL B 169 38.02 2.29 38.91
N GLN B 170 36.93 1.96 38.19
CA GLN B 170 37.03 1.38 36.85
C GLN B 170 35.97 1.95 35.93
N THR B 171 36.37 2.24 34.69
CA THR B 171 35.48 2.78 33.67
C THR B 171 34.88 1.60 32.90
N LEU B 172 33.54 1.54 32.86
CA LEU B 172 32.78 0.52 32.16
C LEU B 172 32.27 1.11 30.86
N TYR B 173 32.90 0.73 29.73
CA TYR B 173 32.49 1.23 28.42
C TYR B 173 31.30 0.40 27.92
N LEU B 174 30.15 1.07 27.79
CA LEU B 174 28.90 0.42 27.38
C LEU B 174 28.84 0.30 25.89
N PRO B 175 28.38 -0.86 25.37
CA PRO B 175 28.19 -0.98 23.92
C PRO B 175 26.91 -0.21 23.49
N PRO B 176 26.74 0.17 22.21
CA PRO B 176 25.48 0.84 21.83
C PRO B 176 24.30 -0.13 22.01
N ILE B 177 23.09 0.43 22.21
CA ILE B 177 21.86 -0.36 22.37
C ILE B 177 20.95 -0.12 21.15
N ILE B 178 19.96 -0.95 20.95
CA ILE B 178 19.10 -0.92 19.77
C ILE B 178 17.70 -1.31 20.21
N ASN B 179 16.71 -0.90 19.42
CA ASN B 179 15.27 -1.11 19.65
C ASN B 179 14.85 -2.57 19.60
N GLN B 180 14.01 -2.93 20.57
CA GLN B 180 13.45 -4.27 20.71
C GLN B 180 12.08 -4.37 20.11
N THR B 181 11.47 -3.21 19.84
CA THR B 181 10.12 -3.14 19.28
C THR B 181 10.12 -2.50 17.90
N ALA B 182 8.98 -2.63 17.21
CA ALA B 182 8.76 -1.95 15.96
C ALA B 182 8.23 -0.57 16.29
N ARG B 183 8.20 0.32 15.31
CA ARG B 183 7.69 1.67 15.46
C ARG B 183 6.77 1.98 14.30
N GLN B 185 4.64 5.28 12.56
CA GLN B 185 4.53 6.71 12.55
C GLN B 185 3.54 7.14 11.49
N PHE B 186 2.66 8.10 11.84
CA PHE B 186 1.65 8.68 10.97
C PHE B 186 1.85 10.20 10.96
N THR B 187 2.11 10.75 9.75
CA THR B 187 2.17 12.17 9.49
C THR B 187 0.85 12.47 8.78
N VAL B 188 0.00 13.32 9.41
CA VAL B 188 -1.30 13.71 8.83
C VAL B 188 -1.19 15.16 8.36
N ARG B 189 -1.27 15.37 7.04
CA ARG B 189 -1.14 16.69 6.45
C ARG B 189 -2.51 17.36 6.27
N ALA B 190 -2.52 18.70 6.35
CA ALA B 190 -3.72 19.50 6.14
C ALA B 190 -3.76 19.90 4.67
N GLY B 191 -4.62 19.22 3.92
CA GLY B 191 -4.75 19.41 2.48
C GLY B 191 -5.76 20.48 2.09
N GLU B 192 -6.25 20.37 0.85
CA GLU B 192 -7.19 21.31 0.25
C GLU B 192 -8.44 21.48 1.12
N GLY B 193 -8.65 22.72 1.56
CA GLY B 193 -9.80 23.14 2.36
C GLY B 193 -9.70 22.88 3.84
N VAL B 194 -8.56 22.36 4.31
CA VAL B 194 -8.35 22.06 5.74
C VAL B 194 -7.61 23.22 6.36
N HIS B 195 -8.28 23.91 7.28
CA HIS B 195 -7.78 25.08 7.96
C HIS B 195 -7.25 24.70 9.32
N THR B 196 -7.97 23.82 10.02
CA THR B 196 -7.59 23.35 11.34
C THR B 196 -7.65 21.83 11.36
N LEU B 197 -6.64 21.21 11.95
CA LEU B 197 -6.48 19.78 12.04
C LEU B 197 -5.88 19.48 13.40
N GLU B 198 -6.67 18.85 14.26
CA GLU B 198 -6.28 18.47 15.62
C GLU B 198 -6.58 17.01 15.87
N LEU B 200 -8.43 14.12 18.17
CA LEU B 200 -9.51 14.01 19.12
C LEU B 200 -8.95 13.27 20.36
N ALA B 201 -9.65 13.30 21.52
CA ALA B 201 -9.18 12.57 22.70
C ALA B 201 -8.99 11.07 22.39
N GLU B 202 -9.78 10.55 21.42
CA GLU B 202 -9.71 9.16 20.96
C GLU B 202 -8.40 8.89 20.16
N GLY B 203 -7.78 9.93 19.59
CA GLY B 203 -6.54 9.87 18.83
C GLY B 203 -6.50 8.82 17.73
N ILE B 204 -5.34 8.18 17.56
CA ILE B 204 -5.12 7.13 16.56
C ILE B 204 -5.08 5.77 17.27
N GLU B 205 -6.02 4.90 16.92
CA GLU B 205 -6.10 3.55 17.48
C GLU B 205 -5.69 2.50 16.42
N ILE B 206 -4.61 1.78 16.73
CA ILE B 206 -4.05 0.69 15.95
C ILE B 206 -4.62 -0.60 16.59
N SER B 207 -5.23 -1.47 15.78
CA SER B 207 -5.90 -2.70 16.21
C SER B 207 -5.43 -3.89 15.40
N GLY B 208 -5.47 -5.06 16.02
CA GLY B 208 -5.08 -6.33 15.40
C GLY B 208 -3.60 -6.59 15.46
N ILE B 209 -2.97 -6.17 16.56
CA ILE B 209 -1.53 -6.33 16.73
C ILE B 209 -1.27 -7.45 17.80
N GLN B 210 0.01 -7.80 18.01
CA GLN B 210 0.42 -8.84 18.96
C GLN B 210 -0.10 -8.57 20.34
N GLN B 211 -0.68 -9.61 20.98
CA GLN B 211 -1.07 -9.52 22.38
C GLN B 211 0.22 -9.80 23.17
N PRO B 212 0.63 -8.92 24.12
CA PRO B 212 1.93 -9.14 24.85
C PRO B 212 2.10 -10.53 25.50
N LEU B 213 3.33 -11.08 25.34
CA LEU B 213 3.75 -12.42 25.81
C LEU B 213 3.45 -12.66 27.30
N ASP B 214 2.95 -13.87 27.62
CA ASP B 214 2.57 -14.30 28.97
C ASP B 214 3.81 -14.49 29.89
N ASN B 215 3.63 -14.30 31.22
CA ASN B 215 4.67 -14.45 32.24
C ASN B 215 4.90 -15.95 32.60
N THR B 216 4.07 -16.87 32.02
CA THR B 216 4.17 -18.33 32.21
C THR B 216 5.12 -18.97 31.18
N THR B 217 5.34 -18.28 30.03
CA THR B 217 6.23 -18.72 28.95
C THR B 217 7.68 -18.26 29.25
N SER B 218 8.63 -19.22 29.30
CA SER B 218 10.04 -19.00 29.60
C SER B 218 10.75 -18.28 28.43
N PHE B 219 11.71 -17.42 28.81
CA PHE B 219 12.48 -16.55 27.94
C PHE B 219 13.88 -16.40 28.55
N ASP B 220 14.90 -16.95 27.89
CA ASP B 220 16.26 -16.91 28.42
C ASP B 220 17.04 -15.80 27.71
N TRP B 221 16.75 -14.55 28.08
CA TRP B 221 17.32 -13.36 27.47
C TRP B 221 18.86 -13.32 27.48
N VAL B 222 19.50 -13.69 28.59
CA VAL B 222 20.95 -13.68 28.75
C VAL B 222 21.68 -14.66 27.76
N ASN B 223 20.98 -15.68 27.25
CA ASN B 223 21.60 -16.61 26.33
C ASN B 223 21.20 -16.36 24.86
N GLY B 224 20.53 -15.24 24.59
CA GLY B 224 20.18 -14.82 23.23
C GLY B 224 18.72 -14.80 22.78
N ASP B 225 17.77 -15.11 23.69
CA ASP B 225 16.35 -15.09 23.33
C ASP B 225 15.91 -13.65 23.11
N VAL B 226 15.04 -13.45 22.10
CA VAL B 226 14.50 -12.15 21.66
C VAL B 226 12.99 -12.30 21.42
N LEU B 227 12.25 -11.17 21.44
CA LEU B 227 10.78 -11.18 21.23
C LEU B 227 10.38 -11.88 19.91
N PRO B 228 9.44 -12.86 19.96
CA PRO B 228 9.04 -13.55 18.73
C PRO B 228 8.15 -12.71 17.84
N VAL B 229 8.10 -13.06 16.54
CA VAL B 229 7.26 -12.43 15.52
C VAL B 229 6.04 -13.35 15.26
N LYS B 230 5.13 -13.48 16.25
CA LYS B 230 3.93 -14.33 16.09
C LYS B 230 2.69 -13.48 15.69
N VAL B 231 1.63 -14.18 15.22
CA VAL B 231 0.37 -13.66 14.68
C VAL B 231 -0.37 -12.80 15.74
N GLY B 232 -0.67 -11.56 15.35
CA GLY B 232 -1.40 -10.60 16.17
C GLY B 232 -2.89 -10.89 16.24
N ASP B 233 -3.69 -10.18 17.08
CA ASP B 233 -5.11 -10.51 17.11
C ASP B 233 -6.09 -9.34 17.29
N GLN B 234 -7.31 -9.52 16.72
CA GLN B 234 -8.55 -8.68 16.71
C GLN B 234 -8.79 -7.89 18.01
N SER B 235 -8.35 -8.44 19.16
CA SER B 235 -8.52 -7.89 20.51
C SER B 235 -7.33 -7.01 20.98
N ALA B 236 -6.08 -7.24 20.50
CA ALA B 236 -4.95 -6.41 20.92
C ALA B 236 -4.89 -5.12 20.15
N SER B 237 -4.77 -4.02 20.90
CA SER B 237 -4.75 -2.68 20.34
C SER B 237 -3.86 -1.70 21.13
N VAL B 238 -3.59 -0.54 20.52
CA VAL B 238 -2.82 0.53 21.14
C VAL B 238 -3.41 1.91 20.67
N ARG B 239 -3.45 2.90 21.57
CA ARG B 239 -3.96 4.22 21.26
C ARG B 239 -2.85 5.30 21.35
N ILE B 240 -2.73 6.12 20.30
CA ILE B 240 -1.80 7.26 20.26
C ILE B 240 -2.70 8.46 20.55
N THR B 241 -2.46 9.16 21.66
CA THR B 241 -3.28 10.29 22.05
C THR B 241 -2.53 11.60 21.80
N GLN B 242 -1.20 11.52 21.68
CA GLN B 242 -0.37 12.71 21.54
C GLN B 242 0.29 12.80 20.16
N ALA B 243 0.33 14.01 19.62
CA ALA B 243 0.92 14.32 18.33
C ALA B 243 1.68 15.62 18.41
N THR B 244 2.63 15.84 17.54
CA THR B 244 3.41 17.08 17.48
C THR B 244 3.04 17.84 16.21
N ARG B 245 3.21 19.14 16.21
CA ARG B 245 2.86 19.90 15.04
C ARG B 245 4.06 20.36 14.28
N ASN B 246 4.03 20.20 12.96
CA ASN B 246 5.05 20.69 12.03
C ASN B 246 4.63 22.05 11.59
N ALA B 247 5.58 22.83 11.03
CA ALA B 247 5.35 24.22 10.58
C ALA B 247 4.27 24.33 9.48
N ASP B 248 4.12 23.26 8.67
CA ASP B 248 3.14 23.16 7.57
C ASP B 248 1.71 22.75 8.10
N ASN B 249 1.52 22.72 9.43
CA ASN B 249 0.29 22.44 10.17
C ASN B 249 -0.02 20.95 10.19
N SER B 250 0.93 20.10 9.72
CA SER B 250 0.73 18.67 9.80
C SER B 250 0.97 18.15 11.23
N LEU B 251 0.38 16.99 11.57
CA LEU B 251 0.53 16.32 12.86
C LEU B 251 1.40 15.08 12.71
N VAL B 252 2.26 14.79 13.69
CA VAL B 252 3.09 13.58 13.68
C VAL B 252 2.80 12.75 14.94
N ALA B 253 2.27 11.56 14.75
CA ALA B 253 1.98 10.65 15.84
C ALA B 253 2.78 9.38 15.64
N HIS B 254 3.38 8.85 16.70
CA HIS B 254 4.16 7.62 16.64
C HIS B 254 3.92 6.76 17.88
N THR B 255 4.22 5.49 17.77
CA THR B 255 4.10 4.55 18.87
C THR B 255 4.93 3.33 18.59
N GLY B 256 5.25 2.62 19.67
CA GLY B 256 5.95 1.36 19.59
C GLY B 256 4.91 0.28 19.44
N VAL B 257 5.24 -0.77 18.70
CA VAL B 257 4.39 -1.94 18.53
C VAL B 257 5.32 -3.14 18.64
N LEU B 258 4.86 -4.20 19.26
CA LEU B 258 5.66 -5.40 19.41
C LEU B 258 5.82 -6.09 18.06
N PRO B 259 6.97 -6.78 17.78
CA PRO B 259 7.09 -7.51 16.51
C PRO B 259 5.89 -8.45 16.34
N THR B 260 5.19 -8.30 15.20
CA THR B 260 4.00 -9.08 14.90
C THR B 260 3.89 -9.41 13.43
N ASP B 261 3.46 -10.66 13.17
CA ASP B 261 3.19 -11.25 11.86
C ASP B 261 1.69 -11.14 11.56
N ALA B 262 1.34 -10.24 10.64
CA ALA B 262 -0.04 -10.01 10.21
C ALA B 262 -0.13 -10.01 8.68
N ARG B 263 0.73 -10.83 8.06
CA ARG B 263 0.83 -11.04 6.60
C ARG B 263 -0.45 -11.64 6.02
N SER B 264 -1.12 -12.48 6.85
CA SER B 264 -2.37 -13.16 6.51
C SER B 264 -3.58 -12.46 7.15
N HIS B 265 -3.35 -11.45 8.01
CA HIS B 265 -4.41 -10.75 8.73
C HIS B 265 -4.36 -9.25 8.44
N SER B 266 -5.34 -8.51 8.95
CA SER B 266 -5.39 -7.06 8.79
C SER B 266 -5.08 -6.34 10.10
N ILE B 267 -4.40 -5.20 9.99
CA ILE B 267 -4.13 -4.25 11.06
C ILE B 267 -4.97 -3.01 10.70
N SER B 268 -6.01 -2.67 11.49
CA SER B 268 -6.80 -1.47 11.26
C SER B 268 -6.18 -0.31 12.05
N VAL B 269 -6.21 0.88 11.43
CA VAL B 269 -5.71 2.13 11.96
C VAL B 269 -6.88 3.14 11.89
N LEU B 270 -7.44 3.51 13.06
CA LEU B 270 -8.52 4.49 13.12
C LEU B 270 -8.00 5.85 13.56
N LEU B 271 -8.14 6.85 12.71
CA LEU B 271 -7.71 8.20 13.01
C LEU B 271 -8.92 9.02 13.38
N ASN B 272 -8.96 9.51 14.62
CA ASN B 272 -10.03 10.36 15.15
C ASN B 272 -9.50 11.76 15.19
N LEU B 273 -9.91 12.58 14.20
CA LEU B 273 -9.39 13.93 14.04
C LEU B 273 -10.49 14.96 14.03
N LYS B 274 -10.14 16.18 14.40
CA LYS B 274 -11.03 17.34 14.38
C LYS B 274 -10.63 18.17 13.19
N VAL B 275 -11.32 18.00 12.07
CA VAL B 275 -11.06 18.72 10.82
C VAL B 275 -12.02 19.92 10.74
N ASN B 276 -11.45 21.13 10.62
CA ASN B 276 -12.17 22.40 10.56
C ASN B 276 -13.28 22.50 11.64
N GLY B 277 -12.95 22.04 12.85
CA GLY B 277 -13.82 22.07 14.01
C GLY B 277 -14.82 20.94 14.15
N ASN B 278 -14.95 20.08 13.12
CA ASN B 278 -15.90 18.96 13.18
C ASN B 278 -15.17 17.63 13.42
N PRO B 279 -15.70 16.76 14.32
CA PRO B 279 -15.06 15.46 14.55
C PRO B 279 -15.25 14.52 13.37
N THR B 280 -14.15 13.85 12.96
CA THR B 280 -14.11 12.90 11.84
C THR B 280 -13.41 11.62 12.28
N GLN B 281 -13.61 10.52 11.54
CA GLN B 281 -12.96 9.24 11.78
C GLN B 281 -12.65 8.59 10.41
N TYR B 282 -11.43 8.09 10.25
CA TYR B 282 -10.95 7.44 9.04
C TYR B 282 -10.32 6.13 9.39
N GLN B 283 -10.57 5.13 8.58
CA GLN B 283 -9.98 3.83 8.82
C GLN B 283 -9.05 3.40 7.71
N LEU B 285 -7.26 -0.01 6.56
CA LEU B 285 -7.13 -1.45 6.80
C LEU B 285 -5.88 -1.89 6.09
N LEU B 286 -4.90 -2.39 6.85
CA LEU B 286 -3.58 -2.79 6.35
C LEU B 286 -3.37 -4.29 6.47
N THR B 287 -3.31 -4.90 5.31
CA THR B 287 -3.13 -6.34 5.20
C THR B 287 -1.66 -6.58 4.73
N GLY B 288 -1.14 -7.78 5.02
CA GLY B 288 0.21 -8.20 4.64
C GLY B 288 1.34 -7.44 5.29
N LEU B 289 1.41 -7.45 6.64
CA LEU B 289 2.41 -6.71 7.39
C LEU B 289 3.31 -7.61 8.27
N TYR B 290 4.67 -7.39 8.23
CA TYR B 290 5.73 -8.07 9.00
C TYR B 290 6.53 -7.00 9.74
N LEU B 291 6.03 -6.66 10.95
CA LEU B 291 6.60 -5.62 11.81
C LEU B 291 7.69 -6.26 12.65
N THR B 292 8.94 -5.82 12.46
CA THR B 292 10.07 -6.39 13.20
C THR B 292 10.78 -5.31 14.06
N ALA B 293 11.57 -5.78 15.06
CA ALA B 293 12.34 -4.99 16.00
C ALA B 293 13.33 -4.10 15.31
N GLY B 294 13.37 -2.83 15.70
CA GLY B 294 14.32 -1.84 15.16
C GLY B 294 13.91 -1.17 13.88
N HIS B 295 12.67 -1.44 13.38
CA HIS B 295 12.18 -0.83 12.14
C HIS B 295 11.01 0.11 12.34
N SER B 296 10.90 1.11 11.42
CA SER B 296 9.85 2.13 11.40
C SER B 296 8.93 1.87 10.23
N TYR B 297 7.64 1.93 10.49
CA TYR B 297 6.61 1.73 9.49
C TYR B 297 5.89 3.06 9.44
N ASN B 298 6.41 3.94 8.57
CA ASN B 298 5.99 5.32 8.34
C ASN B 298 4.91 5.45 7.30
N TYR B 299 3.88 6.21 7.60
CA TYR B 299 2.76 6.50 6.74
C TYR B 299 2.60 8.01 6.63
N THR B 300 2.17 8.51 5.45
CA THR B 300 1.92 9.94 5.22
C THR B 300 0.50 10.04 4.68
N ALA B 301 -0.37 10.63 5.49
CA ALA B 301 -1.77 10.75 5.12
C ALA B 301 -2.14 12.23 4.89
N THR B 302 -3.08 12.53 3.97
CA THR B 302 -3.51 13.90 3.72
C THR B 302 -5.01 13.97 3.85
N VAL B 303 -5.50 14.93 4.65
CA VAL B 303 -6.94 15.17 4.79
C VAL B 303 -7.33 16.24 3.76
N LYS B 304 -8.26 15.89 2.84
CA LYS B 304 -8.72 16.75 1.75
C LYS B 304 -10.21 16.97 1.81
N ILE B 305 -10.70 18.09 1.23
CA ILE B 305 -12.12 18.36 1.01
C ILE B 305 -12.33 18.25 -0.51
N SER B 306 -13.11 17.23 -0.98
CA SER B 306 -13.37 17.02 -2.41
C SER B 306 -14.49 17.95 -2.92
N ASN B 307 -15.60 18.02 -2.17
CA ASN B 307 -16.72 18.91 -2.45
C ASN B 307 -17.11 19.55 -1.13
N GLY B 308 -17.82 18.76 -0.32
CA GLY B 308 -18.21 19.09 1.04
C GLY B 308 -17.72 17.96 1.92
N VAL B 309 -17.46 16.82 1.25
CA VAL B 309 -16.98 15.56 1.80
C VAL B 309 -15.46 15.64 2.13
N THR B 310 -15.10 15.15 3.31
CA THR B 310 -13.71 15.10 3.76
C THR B 310 -13.17 13.68 3.49
N VAL B 311 -11.98 13.57 2.89
CA VAL B 311 -11.33 12.29 2.62
C VAL B 311 -9.90 12.26 3.17
N LEU B 312 -9.45 11.06 3.52
CA LEU B 312 -8.09 10.79 3.90
C LEU B 312 -7.48 9.98 2.79
N THR B 313 -6.37 10.47 2.24
CA THR B 313 -5.56 9.79 1.24
C THR B 313 -4.25 9.42 1.87
N TRP B 314 -3.75 8.22 1.64
CA TRP B 314 -2.45 7.93 2.18
C TRP B 314 -1.58 7.23 1.18
N GLN B 315 -0.29 7.27 1.48
CA GLN B 315 0.80 6.67 0.75
C GLN B 315 1.81 6.13 1.76
N ASN B 316 2.49 5.09 1.34
CA ASN B 316 3.51 4.44 2.11
C ASN B 316 4.27 3.51 1.18
N ARG B 317 5.57 3.33 1.45
CA ARG B 317 6.42 2.44 0.67
C ARG B 317 6.28 1.04 1.25
N SER B 318 6.22 0.01 0.38
CA SER B 318 6.12 -1.37 0.79
C SER B 318 7.25 -2.21 0.15
N TRP B 319 7.77 -3.23 0.88
CA TRP B 319 8.90 -4.11 0.49
C TRP B 319 8.43 -5.55 0.65
N THR B 320 8.64 -6.43 -0.36
CA THR B 320 8.33 -7.86 -0.23
C THR B 320 9.42 -8.69 -0.85
N GLU B 321 9.79 -9.78 -0.15
CA GLU B 321 10.85 -10.71 -0.54
C GLU B 321 10.37 -11.74 -1.54
N ASN B 322 11.31 -12.40 -2.21
CA ASN B 322 10.99 -13.44 -3.16
C ASN B 322 10.38 -14.60 -2.42
N VAL B 323 9.30 -15.14 -2.95
CA VAL B 323 8.54 -16.23 -2.37
C VAL B 323 9.10 -17.57 -2.90
N VAL B 324 9.61 -17.61 -4.16
CA VAL B 324 10.21 -18.78 -4.80
C VAL B 324 11.50 -19.19 -4.04
#